data_5UDO
#
_entry.id   5UDO
#
_cell.length_a   98.017
_cell.length_b   98.017
_cell.length_c   52.587
_cell.angle_alpha   90.00
_cell.angle_beta   90.00
_cell.angle_gamma   90.00
#
_symmetry.space_group_name_H-M   'P 41'
#
loop_
_entity.id
_entity.type
_entity.pdbx_description
1 polymer 'A118 serine integrase'
2 water water
#
_entity_poly.entity_id   1
_entity_poly.type   'polypeptide(L)'
_entity_poly.pdbx_seq_one_letter_code
;RDRMVMGKIKRIEAGLPLTTAKGRTFGYDVIDTKLYINEEEAKQLRLIYDIFEEEQSITFLQKRLKKLGFKVRTYNRYNN
WLTNDLYCGYVSYKDKVHVKGIHEPIISEEQFYRVQEIFSRMGKNPNMNKESASLLNNLVVCSKCGLGFVHRRKDTVSRG
KKYHYRYYSCKTYKHTHELEKCGNKIWRADKLEELIIDRVNNYSFASRNIDKEDELDSLNEKLKIEHAKKKRLFDLYING
SYEVSELDSMMNDIDAQINYYEAQIEANEELKKNKKIQENLADLATVDFNSLEFREKQLYLKSLINKIYIDGEQVTIEWL
LEHHHHHH
;
_entity_poly.pdbx_strand_id   A,B,C,D,E,F,G,H
#
# COMPACT_ATOMS: atom_id res chain seq x y z
N ASN A 220 -8.22 11.90 17.18
CA ASN A 220 -9.26 12.58 16.43
C ASN A 220 -10.29 11.59 15.89
N GLU A 221 -11.52 12.06 15.76
CA GLU A 221 -12.63 11.20 15.35
C GLU A 221 -12.76 11.19 13.82
N LYS A 222 -11.67 10.82 13.15
CA LYS A 222 -11.64 10.83 11.69
C LYS A 222 -11.02 9.54 11.13
N LEU A 223 -10.19 8.89 11.93
CA LEU A 223 -9.51 7.68 11.49
C LEU A 223 -10.27 6.43 11.89
N LYS A 224 -10.94 6.51 13.04
CA LYS A 224 -11.67 5.37 13.58
C LYS A 224 -12.80 4.94 12.66
N ILE A 225 -13.37 5.89 11.94
CA ILE A 225 -14.37 5.56 10.94
C ILE A 225 -13.69 4.87 9.76
N GLU A 226 -12.46 5.29 9.45
CA GLU A 226 -11.68 4.67 8.40
C GLU A 226 -11.16 3.31 8.86
N HIS A 227 -10.87 3.21 10.16
CA HIS A 227 -10.46 1.95 10.77
C HIS A 227 -11.57 0.92 10.62
N ALA A 228 -12.82 1.36 10.80
CA ALA A 228 -13.97 0.49 10.62
C ALA A 228 -14.16 0.19 9.13
N LYS A 229 -13.91 1.20 8.30
CA LYS A 229 -13.98 1.05 6.86
C LYS A 229 -12.94 0.05 6.36
N LYS A 230 -11.73 0.17 6.88
CA LYS A 230 -10.65 -0.74 6.53
C LYS A 230 -10.90 -2.13 7.11
N LYS A 231 -11.59 -2.18 8.26
CA LYS A 231 -11.90 -3.44 8.92
C LYS A 231 -12.80 -4.33 8.05
N ARG A 232 -13.86 -3.74 7.49
CA ARG A 232 -14.81 -4.49 6.66
C ARG A 232 -14.15 -4.99 5.39
N LEU A 233 -13.22 -4.20 4.84
CA LEU A 233 -12.53 -4.57 3.62
C LEU A 233 -11.66 -5.81 3.81
N PHE A 234 -11.10 -5.94 5.01
CA PHE A 234 -10.18 -7.04 5.30
C PHE A 234 -10.90 -8.39 5.32
N ASP A 235 -12.19 -8.37 5.65
CA ASP A 235 -12.99 -9.59 5.73
C ASP A 235 -13.15 -10.23 4.35
N LEU A 236 -13.19 -9.40 3.32
CA LEU A 236 -13.39 -9.86 1.94
C LEU A 236 -12.20 -10.68 1.45
N TYR A 237 -11.06 -10.52 2.11
CA TYR A 237 -9.83 -11.22 1.73
C TYR A 237 -9.87 -12.72 2.02
N ILE A 238 -10.75 -13.12 2.94
CA ILE A 238 -10.81 -14.51 3.36
C ILE A 238 -11.57 -15.37 2.34
N ASN A 239 -12.61 -14.80 1.72
CA ASN A 239 -13.35 -15.51 0.68
C ASN A 239 -12.54 -15.67 -0.59
N GLY A 240 -12.79 -16.77 -1.31
CA GLY A 240 -12.12 -17.02 -2.58
C GLY A 240 -12.65 -16.11 -3.67
N SER A 241 -13.81 -15.52 -3.42
CA SER A 241 -14.44 -14.60 -4.36
C SER A 241 -13.67 -13.28 -4.46
N TYR A 242 -14.23 -12.34 -5.21
CA TYR A 242 -13.64 -11.01 -5.42
C TYR A 242 -12.27 -11.09 -6.08
N GLU A 243 -11.67 -9.92 -6.29
CA GLU A 243 -10.33 -9.85 -6.87
C GLU A 243 -9.44 -9.00 -5.97
N VAL A 244 -8.23 -9.51 -5.71
CA VAL A 244 -7.30 -8.84 -4.80
C VAL A 244 -6.91 -7.45 -5.30
N SER A 245 -6.87 -7.28 -6.62
CA SER A 245 -6.53 -5.98 -7.21
C SER A 245 -7.54 -4.93 -6.80
N GLU A 246 -8.82 -5.29 -6.82
CA GLU A 246 -9.90 -4.40 -6.43
C GLU A 246 -9.78 -4.01 -4.96
N LEU A 247 -9.45 -4.99 -4.12
CA LEU A 247 -9.34 -4.77 -2.69
C LEU A 247 -8.11 -3.96 -2.33
N ASP A 248 -6.98 -4.30 -2.94
CA ASP A 248 -5.72 -3.60 -2.69
C ASP A 248 -5.78 -2.16 -3.15
N SER A 249 -6.46 -1.92 -4.26
CA SER A 249 -6.62 -0.57 -4.80
C SER A 249 -7.45 0.29 -3.87
N MET A 250 -8.52 -0.29 -3.34
CA MET A 250 -9.35 0.41 -2.37
C MET A 250 -8.62 0.58 -1.05
N MET A 251 -7.91 -0.47 -0.64
CA MET A 251 -7.12 -0.43 0.59
C MET A 251 -6.08 0.69 0.50
N ASN A 252 -5.43 0.82 -0.65
CA ASN A 252 -4.48 1.88 -0.89
C ASN A 252 -5.12 3.25 -0.70
N ASP A 253 -6.33 3.41 -1.20
CA ASP A 253 -7.08 4.65 -1.07
C ASP A 253 -7.46 4.89 0.40
N ILE A 254 -7.79 3.81 1.10
CA ILE A 254 -8.12 3.86 2.51
C ILE A 254 -6.89 4.27 3.34
N ASP A 255 -5.78 3.59 3.07
CA ASP A 255 -4.53 3.84 3.80
C ASP A 255 -3.98 5.24 3.53
N ALA A 256 -4.21 5.73 2.31
CA ALA A 256 -3.71 7.04 1.90
C ALA A 256 -4.33 8.16 2.73
N GLN A 257 -5.62 8.04 3.02
CA GLN A 257 -6.33 9.04 3.80
C GLN A 257 -5.77 9.12 5.22
N ILE A 258 -5.32 7.98 5.74
CA ILE A 258 -4.81 7.89 7.11
C ILE A 258 -3.52 8.68 7.28
N ASN A 259 -2.53 8.40 6.43
CA ASN A 259 -1.23 9.06 6.49
C ASN A 259 -1.35 10.57 6.41
N TYR A 260 -2.28 11.03 5.56
CA TYR A 260 -2.59 12.45 5.46
C TYR A 260 -3.21 12.94 6.77
N TYR A 261 -4.17 12.17 7.29
CA TYR A 261 -4.84 12.53 8.53
C TYR A 261 -3.89 12.54 9.73
N GLU A 262 -2.91 11.64 9.72
CA GLU A 262 -1.99 11.49 10.84
C GLU A 262 -1.10 12.72 11.04
N ALA A 263 -0.33 13.07 10.02
CA ALA A 263 0.60 14.19 10.12
C ALA A 263 -0.10 15.54 9.98
N GLN A 264 -0.79 15.95 11.04
CA GLN A 264 -1.46 17.25 11.05
C GLN A 264 -1.11 18.04 12.31
N ILE A 265 -0.55 17.37 13.29
CA ILE A 265 -0.18 17.98 14.56
C ILE A 265 0.95 18.99 14.40
N GLU A 266 1.99 18.59 13.68
CA GLU A 266 3.16 19.44 13.47
C GLU A 266 2.83 20.67 12.65
N ALA A 267 1.77 20.59 11.84
CA ALA A 267 1.35 21.72 11.01
C ALA A 267 -0.10 22.10 11.30
N LEU B 219 -23.21 1.56 -25.63
CA LEU B 219 -23.27 0.24 -24.99
C LEU B 219 -22.04 -0.01 -24.11
N ASN B 220 -20.93 0.62 -24.48
CA ASN B 220 -19.70 0.51 -23.69
C ASN B 220 -19.92 1.03 -22.27
N GLU B 221 -20.58 2.17 -22.16
CA GLU B 221 -20.94 2.73 -20.86
C GLU B 221 -21.89 1.80 -20.12
N LYS B 222 -22.80 1.17 -20.85
CA LYS B 222 -23.77 0.25 -20.27
C LYS B 222 -23.06 -0.93 -19.60
N LEU B 223 -21.88 -1.27 -20.10
CA LEU B 223 -21.04 -2.28 -19.47
C LEU B 223 -20.25 -1.65 -18.33
N LYS B 224 -19.85 -0.39 -18.50
CA LYS B 224 -19.17 0.35 -17.46
C LYS B 224 -20.09 0.58 -16.27
N ILE B 225 -21.39 0.62 -16.53
CA ILE B 225 -22.40 0.73 -15.49
C ILE B 225 -22.27 -0.43 -14.50
N GLU B 226 -22.15 -1.64 -15.05
CA GLU B 226 -21.96 -2.84 -14.25
C GLU B 226 -20.67 -2.76 -13.45
N HIS B 227 -19.66 -2.11 -14.03
CA HIS B 227 -18.39 -1.90 -13.34
C HIS B 227 -18.53 -0.83 -12.27
N ALA B 228 -19.33 0.20 -12.57
CA ALA B 228 -19.55 1.30 -11.64
C ALA B 228 -20.28 0.83 -10.38
N LYS B 229 -21.13 -0.18 -10.54
CA LYS B 229 -21.86 -0.75 -9.41
C LYS B 229 -20.92 -1.36 -8.38
N LYS B 230 -19.95 -2.13 -8.86
CA LYS B 230 -18.98 -2.81 -8.01
C LYS B 230 -18.27 -1.84 -7.07
N LYS B 231 -17.74 -0.75 -7.63
CA LYS B 231 -17.04 0.26 -6.85
C LYS B 231 -17.93 0.84 -5.76
N ARG B 232 -19.17 1.17 -6.11
CA ARG B 232 -20.13 1.71 -5.16
C ARG B 232 -20.58 0.63 -4.17
N LEU B 233 -20.86 -0.57 -4.68
CA LEU B 233 -21.33 -1.67 -3.85
C LEU B 233 -20.32 -2.00 -2.76
N PHE B 234 -19.05 -2.03 -3.12
CA PHE B 234 -17.99 -2.20 -2.15
C PHE B 234 -18.02 -1.05 -1.13
N ASP B 235 -18.15 0.17 -1.65
CA ASP B 235 -18.19 1.35 -0.80
C ASP B 235 -19.36 1.29 0.17
N LEU B 236 -20.53 0.92 -0.33
CA LEU B 236 -21.72 0.78 0.49
C LEU B 236 -21.51 -0.20 1.63
N TYR B 237 -20.98 -1.38 1.30
CA TYR B 237 -20.65 -2.39 2.29
C TYR B 237 -19.64 -1.85 3.30
N ILE B 238 -18.57 -1.27 2.78
CA ILE B 238 -17.51 -0.66 3.59
C ILE B 238 -18.09 0.36 4.57
N ASN B 239 -19.07 1.12 4.10
CA ASN B 239 -19.73 2.12 4.93
C ASN B 239 -20.60 1.50 6.03
N GLY B 240 -20.76 0.18 5.99
CA GLY B 240 -21.51 -0.53 6.99
C GLY B 240 -22.99 -0.67 6.65
N SER B 241 -23.35 -0.27 5.44
CA SER B 241 -24.73 -0.32 4.99
C SER B 241 -25.21 -1.76 4.76
N TYR B 242 -24.36 -2.55 4.11
CA TYR B 242 -24.69 -3.94 3.82
C TYR B 242 -23.75 -4.91 4.51
N GLU B 243 -24.18 -6.16 4.66
CA GLU B 243 -23.36 -7.20 5.26
C GLU B 243 -22.70 -8.04 4.17
N VAL B 244 -21.77 -8.92 4.58
CA VAL B 244 -21.05 -9.77 3.64
C VAL B 244 -21.99 -10.74 2.92
N SER B 245 -22.87 -11.38 3.69
CA SER B 245 -23.80 -12.37 3.15
C SER B 245 -24.62 -11.82 2.00
N GLU B 246 -25.20 -10.64 2.20
CA GLU B 246 -25.99 -10.00 1.14
C GLU B 246 -25.07 -9.43 0.06
N LEU B 247 -23.86 -9.04 0.45
CA LEU B 247 -22.88 -8.51 -0.50
C LEU B 247 -22.48 -9.57 -1.53
N ASP B 248 -22.22 -10.78 -1.05
CA ASP B 248 -21.76 -11.88 -1.90
C ASP B 248 -22.76 -12.17 -3.02
N SER B 249 -24.01 -12.42 -2.65
CA SER B 249 -25.04 -12.75 -3.61
C SER B 249 -25.22 -11.63 -4.64
N MET B 250 -25.16 -10.39 -4.16
CA MET B 250 -25.29 -9.23 -5.05
C MET B 250 -24.08 -9.09 -5.96
N MET B 251 -22.89 -9.09 -5.38
CA MET B 251 -21.65 -8.97 -6.13
C MET B 251 -21.53 -10.05 -7.18
N ASN B 252 -21.90 -11.28 -6.82
CA ASN B 252 -21.88 -12.40 -7.75
C ASN B 252 -22.91 -12.23 -8.86
N ASP B 253 -24.09 -11.74 -8.50
CA ASP B 253 -25.16 -11.51 -9.47
C ASP B 253 -24.74 -10.45 -10.48
N ILE B 254 -24.14 -9.36 -10.00
CA ILE B 254 -23.66 -8.29 -10.86
C ILE B 254 -22.49 -8.78 -11.71
N ASP B 255 -21.59 -9.54 -11.10
CA ASP B 255 -20.48 -10.15 -11.82
C ASP B 255 -21.01 -11.12 -12.87
N ALA B 256 -22.06 -11.85 -12.51
CA ALA B 256 -22.76 -12.70 -13.46
C ALA B 256 -23.42 -11.83 -14.52
N GLN B 257 -24.07 -10.76 -14.07
CA GLN B 257 -24.77 -9.83 -14.96
C GLN B 257 -23.85 -9.30 -16.07
N ILE B 258 -22.60 -9.03 -15.70
CA ILE B 258 -21.58 -8.61 -16.66
C ILE B 258 -21.40 -9.65 -17.75
N ASN B 259 -21.33 -10.92 -17.34
CA ASN B 259 -21.11 -12.02 -18.27
C ASN B 259 -22.19 -12.11 -19.36
N TYR B 260 -23.41 -11.74 -19.01
CA TYR B 260 -24.49 -11.70 -20.00
C TYR B 260 -24.24 -10.57 -20.99
N TYR B 261 -23.78 -9.44 -20.47
CA TYR B 261 -23.52 -8.26 -21.30
C TYR B 261 -22.04 -8.10 -21.62
N GLU B 262 -21.29 -9.19 -21.50
CA GLU B 262 -19.84 -9.13 -21.72
C GLU B 262 -19.49 -8.98 -23.20
N ALA B 263 -19.72 -10.04 -23.97
CA ALA B 263 -19.36 -10.04 -25.38
C ALA B 263 -20.48 -9.51 -26.27
N GLN B 264 -21.06 -10.40 -27.08
CA GLN B 264 -22.15 -10.08 -28.00
C GLN B 264 -21.75 -9.02 -29.03
N ILE B 265 -21.55 -7.79 -28.56
CA ILE B 265 -21.24 -6.67 -29.45
C ILE B 265 -19.89 -6.87 -30.15
N GLU B 266 -18.96 -7.56 -29.50
CA GLU B 266 -17.61 -7.71 -30.02
C GLU B 266 -17.05 -9.11 -29.76
N ALA B 267 -17.53 -10.08 -30.53
CA ALA B 267 -17.07 -11.46 -30.41
C ALA B 267 -17.37 -12.25 -31.66
N SER C 218 -6.31 16.68 24.55
CA SER C 218 -5.55 16.06 23.47
C SER C 218 -4.34 15.29 24.00
N LEU C 219 -3.64 15.88 24.96
CA LEU C 219 -2.53 15.20 25.61
C LEU C 219 -3.02 13.93 26.28
N ASN C 220 -3.90 14.09 27.26
CA ASN C 220 -4.49 12.96 27.97
C ASN C 220 -5.28 12.04 27.04
N GLU C 221 -5.91 12.63 26.04
CA GLU C 221 -6.69 11.86 25.07
C GLU C 221 -5.80 10.95 24.23
N LYS C 222 -4.75 11.52 23.65
CA LYS C 222 -3.83 10.74 22.83
C LYS C 222 -3.05 9.73 23.66
N LEU C 223 -2.85 10.06 24.94
CA LEU C 223 -2.13 9.18 25.86
C LEU C 223 -2.79 7.80 25.97
N LYS C 224 -4.06 7.79 26.32
CA LYS C 224 -4.80 6.55 26.52
C LYS C 224 -4.91 5.72 25.25
N ILE C 225 -4.88 6.38 24.10
CA ILE C 225 -4.91 5.70 22.81
C ILE C 225 -3.59 4.99 22.56
N GLU C 226 -2.49 5.72 22.71
CA GLU C 226 -1.15 5.17 22.57
C GLU C 226 -0.90 4.10 23.63
N HIS C 227 -1.48 4.31 24.82
CA HIS C 227 -1.36 3.35 25.91
C HIS C 227 -2.13 2.08 25.56
N ALA C 228 -3.24 2.25 24.86
CA ALA C 228 -4.04 1.10 24.42
C ALA C 228 -3.26 0.27 23.40
N LYS C 229 -2.46 0.95 22.59
CA LYS C 229 -1.65 0.28 21.57
C LYS C 229 -0.62 -0.65 22.20
N LYS C 230 0.01 -0.18 23.28
CA LYS C 230 0.98 -1.00 24.00
C LYS C 230 0.31 -2.25 24.55
N LYS C 231 -0.85 -2.07 25.16
CA LYS C 231 -1.66 -3.18 25.65
C LYS C 231 -2.10 -4.08 24.50
N ARG C 232 -2.36 -3.47 23.35
CA ARG C 232 -2.81 -4.20 22.18
C ARG C 232 -1.68 -5.00 21.54
N LEU C 233 -0.46 -4.48 21.67
CA LEU C 233 0.71 -5.14 21.10
C LEU C 233 1.03 -6.44 21.83
N PHE C 234 0.67 -6.49 23.11
CA PHE C 234 0.92 -7.68 23.93
C PHE C 234 0.14 -8.89 23.45
N ASP C 235 -1.05 -8.65 22.92
CA ASP C 235 -1.86 -9.74 22.37
C ASP C 235 -1.12 -10.37 21.20
N LEU C 236 -0.41 -9.51 20.46
CA LEU C 236 0.42 -9.96 19.35
C LEU C 236 1.69 -10.63 19.87
N TYR C 237 2.06 -10.31 21.11
CA TYR C 237 3.17 -10.97 21.77
C TYR C 237 2.72 -12.32 22.30
N ILE C 238 1.55 -12.34 22.93
CA ILE C 238 0.94 -13.57 23.39
C ILE C 238 0.79 -14.56 22.23
N ASN C 239 0.37 -14.03 21.08
CA ASN C 239 0.34 -14.81 19.85
C ASN C 239 1.77 -15.03 19.38
N GLY C 240 2.07 -16.22 18.88
CA GLY C 240 3.43 -16.56 18.49
C GLY C 240 3.82 -16.09 17.09
N SER C 241 2.87 -15.54 16.35
CA SER C 241 3.11 -15.15 14.97
C SER C 241 3.69 -13.74 14.84
N TYR C 242 3.88 -13.33 13.59
CA TYR C 242 4.38 -12.00 13.22
C TYR C 242 5.75 -11.70 13.83
N GLU C 243 6.51 -12.76 14.13
CA GLU C 243 7.89 -12.64 14.60
C GLU C 243 7.98 -11.86 15.91
N VAL C 244 9.21 -11.59 16.35
CA VAL C 244 9.42 -10.83 17.58
C VAL C 244 10.04 -9.47 17.25
N SER C 245 10.79 -9.42 16.15
CA SER C 245 11.48 -8.20 15.72
C SER C 245 10.52 -7.04 15.48
N GLU C 246 9.45 -7.30 14.74
CA GLU C 246 8.45 -6.29 14.43
C GLU C 246 7.79 -5.75 15.70
N LEU C 247 7.65 -6.62 16.70
CA LEU C 247 6.97 -6.25 17.94
C LEU C 247 7.87 -5.43 18.86
N ASP C 248 9.13 -5.83 18.96
CA ASP C 248 10.11 -5.13 19.80
C ASP C 248 10.27 -3.68 19.36
N SER C 249 10.30 -3.48 18.04
CA SER C 249 10.45 -2.14 17.48
C SER C 249 9.34 -1.20 17.93
N MET C 250 8.09 -1.66 17.81
CA MET C 250 6.93 -0.85 18.17
C MET C 250 6.90 -0.45 19.64
N MET C 251 7.44 -1.32 20.50
CA MET C 251 7.45 -1.07 21.93
C MET C 251 8.12 0.25 22.25
N ASN C 252 9.38 0.39 21.85
CA ASN C 252 10.14 1.62 22.05
C ASN C 252 9.49 2.82 21.36
N ASP C 253 8.94 2.58 20.18
CA ASP C 253 8.24 3.63 19.43
C ASP C 253 7.05 4.15 20.21
N ILE C 254 6.22 3.23 20.70
CA ILE C 254 5.03 3.57 21.48
C ILE C 254 5.42 4.14 22.84
N ASP C 255 6.37 3.49 23.50
CA ASP C 255 6.81 3.90 24.83
C ASP C 255 7.41 5.30 24.80
N ALA C 256 7.92 5.71 23.64
CA ALA C 256 8.46 7.05 23.46
C ALA C 256 7.36 8.10 23.61
N GLN C 257 6.17 7.77 23.13
CA GLN C 257 5.02 8.67 23.22
C GLN C 257 4.46 8.70 24.64
N ILE C 258 4.56 7.56 25.33
CA ILE C 258 3.99 7.41 26.66
C ILE C 258 4.80 8.18 27.72
N ASN C 259 6.12 8.17 27.56
CA ASN C 259 7.02 8.76 28.56
C ASN C 259 6.95 10.28 28.69
N TYR C 260 6.00 10.92 28.00
CA TYR C 260 5.79 12.35 28.16
C TYR C 260 5.37 12.67 29.59
N TYR C 261 5.94 13.73 30.15
CA TYR C 261 5.72 14.11 31.54
C TYR C 261 6.01 12.94 32.48
N SER D 218 -0.58 -20.16 -9.61
CA SER D 218 0.61 -19.47 -9.14
C SER D 218 0.64 -19.38 -7.61
N LEU D 219 1.26 -20.36 -6.98
CA LEU D 219 1.36 -20.42 -5.53
C LEU D 219 2.15 -19.24 -4.98
N ASN D 220 3.08 -18.71 -5.80
CA ASN D 220 3.83 -17.52 -5.44
C ASN D 220 2.89 -16.34 -5.19
N GLU D 221 1.99 -16.11 -6.14
CA GLU D 221 0.99 -15.05 -6.02
C GLU D 221 0.10 -15.29 -4.81
N LYS D 222 -0.21 -16.56 -4.54
CA LYS D 222 -1.05 -16.92 -3.41
C LYS D 222 -0.33 -16.65 -2.09
N LEU D 223 0.95 -17.00 -2.03
CA LEU D 223 1.76 -16.80 -0.83
C LEU D 223 1.91 -15.32 -0.50
N LYS D 224 2.01 -14.48 -1.53
CA LYS D 224 2.15 -13.04 -1.36
C LYS D 224 0.96 -12.43 -0.64
N ILE D 225 -0.23 -12.78 -1.10
CA ILE D 225 -1.48 -12.26 -0.54
C ILE D 225 -1.65 -12.65 0.92
N GLU D 226 -1.37 -13.91 1.23
CA GLU D 226 -1.50 -14.41 2.59
C GLU D 226 -0.52 -13.72 3.53
N HIS D 227 0.68 -13.47 3.04
CA HIS D 227 1.68 -12.72 3.80
C HIS D 227 1.24 -11.26 3.97
N ALA D 228 0.49 -10.76 3.00
CA ALA D 228 0.02 -9.38 3.01
C ALA D 228 -1.10 -9.19 4.03
N LYS D 229 -2.01 -10.15 4.10
CA LYS D 229 -3.11 -10.10 5.06
C LYS D 229 -2.58 -10.04 6.49
N LYS D 230 -1.54 -10.83 6.76
CA LYS D 230 -0.96 -10.91 8.08
C LYS D 230 -0.42 -9.56 8.56
N LYS D 231 0.14 -8.79 7.63
CA LYS D 231 0.72 -7.50 7.96
C LYS D 231 -0.36 -6.46 8.22
N ARG D 232 -1.40 -6.48 7.38
CA ARG D 232 -2.51 -5.53 7.54
C ARG D 232 -3.33 -5.81 8.79
N LEU D 233 -3.50 -7.10 9.10
CA LEU D 233 -4.19 -7.50 10.32
C LEU D 233 -3.46 -6.98 11.54
N PHE D 234 -2.13 -7.00 11.46
CA PHE D 234 -1.27 -6.46 12.50
C PHE D 234 -1.53 -4.97 12.71
N ASP D 235 -1.55 -4.23 11.60
CA ASP D 235 -1.84 -2.80 11.64
C ASP D 235 -3.26 -2.55 12.10
N LEU D 236 -4.19 -3.37 11.60
CA LEU D 236 -5.61 -3.26 11.95
C LEU D 236 -5.87 -3.49 13.44
N TYR D 237 -5.37 -4.61 13.96
CA TYR D 237 -5.66 -5.03 15.33
C TYR D 237 -5.21 -3.99 16.36
N ILE D 238 -4.04 -3.39 16.12
CA ILE D 238 -3.46 -2.42 17.04
C ILE D 238 -4.35 -1.19 17.18
N ASN D 239 -5.00 -0.80 16.09
CA ASN D 239 -5.87 0.37 16.09
C ASN D 239 -7.15 0.20 16.92
N GLY D 240 -7.29 -0.98 17.55
CA GLY D 240 -8.43 -1.25 18.40
C GLY D 240 -9.44 -2.18 17.75
N SER D 241 -9.30 -2.37 16.44
CA SER D 241 -10.18 -3.26 15.70
C SER D 241 -9.99 -4.71 16.13
N TYR D 242 -11.01 -5.53 15.87
CA TYR D 242 -10.98 -6.96 16.17
C TYR D 242 -10.81 -7.25 17.66
N GLU D 243 -10.70 -8.54 17.99
CA GLU D 243 -10.46 -8.98 19.35
C GLU D 243 -9.42 -10.09 19.39
N VAL D 244 -9.02 -10.51 20.59
CA VAL D 244 -7.99 -11.53 20.75
C VAL D 244 -8.43 -12.87 20.16
N SER D 245 -9.61 -13.32 20.58
CA SER D 245 -10.17 -14.58 20.08
C SER D 245 -10.33 -14.52 18.57
N GLU D 246 -10.75 -13.36 18.07
CA GLU D 246 -10.87 -13.15 16.64
C GLU D 246 -9.49 -13.13 15.99
N LEU D 247 -8.54 -12.47 16.65
CA LEU D 247 -7.16 -12.41 16.16
C LEU D 247 -6.57 -13.81 16.03
N ASP D 248 -6.54 -14.55 17.13
CA ASP D 248 -5.98 -15.90 17.16
C ASP D 248 -6.63 -16.81 16.13
N SER D 249 -7.95 -16.78 16.05
CA SER D 249 -8.68 -17.59 15.09
C SER D 249 -8.29 -17.25 13.65
N MET D 250 -8.30 -15.95 13.34
CA MET D 250 -7.93 -15.49 12.01
C MET D 250 -6.44 -15.73 11.73
N MET D 251 -5.59 -15.38 12.69
CA MET D 251 -4.15 -15.54 12.53
C MET D 251 -3.77 -17.01 12.31
N ASN D 252 -4.40 -17.90 13.05
CA ASN D 252 -4.14 -19.33 12.93
C ASN D 252 -4.46 -19.81 11.52
N ASP D 253 -5.56 -19.29 10.97
CA ASP D 253 -5.97 -19.61 9.61
C ASP D 253 -4.91 -19.18 8.61
N ILE D 254 -4.40 -17.96 8.77
CA ILE D 254 -3.35 -17.43 7.90
C ILE D 254 -2.09 -18.27 7.99
N ASP D 255 -1.65 -18.55 9.21
CA ASP D 255 -0.47 -19.35 9.47
C ASP D 255 -0.62 -20.75 8.86
N ALA D 256 -1.82 -21.31 8.96
CA ALA D 256 -2.10 -22.64 8.45
C ALA D 256 -2.09 -22.67 6.92
N GLN D 257 -2.72 -21.67 6.32
CA GLN D 257 -2.81 -21.58 4.87
C GLN D 257 -1.43 -21.47 4.22
N ILE D 258 -0.59 -20.59 4.75
CA ILE D 258 0.77 -20.39 4.25
C ILE D 258 1.55 -21.70 4.22
N ASN D 259 1.52 -22.43 5.32
CA ASN D 259 2.20 -23.71 5.42
C ASN D 259 1.64 -24.74 4.44
N TYR D 260 0.35 -24.62 4.14
CA TYR D 260 -0.29 -25.49 3.17
C TYR D 260 0.21 -25.19 1.76
N TYR D 261 0.27 -23.91 1.41
CA TYR D 261 0.77 -23.53 0.09
C TYR D 261 2.27 -23.77 -0.03
N GLU D 262 2.96 -23.77 1.10
CA GLU D 262 4.40 -24.05 1.13
C GLU D 262 4.66 -25.54 0.93
N ALA D 263 3.64 -26.37 1.17
CA ALA D 263 3.80 -27.81 1.09
C ALA D 263 3.64 -28.33 -0.34
N GLN D 264 2.68 -27.77 -1.06
CA GLN D 264 2.40 -28.18 -2.42
C GLN D 264 3.60 -27.95 -3.35
N ILE D 265 3.79 -26.70 -3.75
CA ILE D 265 4.89 -26.30 -4.63
C ILE D 265 4.97 -27.13 -5.90
N LEU E 219 16.06 -14.02 -3.00
CA LEU E 219 17.45 -13.86 -2.62
C LEU E 219 17.84 -12.38 -2.57
N ASN E 220 19.03 -12.12 -2.04
CA ASN E 220 19.58 -10.77 -1.96
C ASN E 220 19.59 -10.09 -3.32
N GLU E 221 19.78 -10.88 -4.38
CA GLU E 221 19.73 -10.36 -5.74
C GLU E 221 18.32 -9.89 -6.09
N LYS E 222 17.34 -10.74 -5.81
CA LYS E 222 15.94 -10.41 -6.07
C LYS E 222 15.50 -9.17 -5.31
N LEU E 223 16.03 -8.99 -4.11
CA LEU E 223 15.70 -7.83 -3.28
C LEU E 223 16.09 -6.52 -3.96
N LYS E 224 17.30 -6.48 -4.50
CA LYS E 224 17.81 -5.30 -5.17
C LYS E 224 17.06 -5.05 -6.48
N ILE E 225 16.69 -6.13 -7.16
CA ILE E 225 15.93 -6.06 -8.40
C ILE E 225 14.57 -5.40 -8.17
N GLU E 226 13.83 -5.92 -7.19
CA GLU E 226 12.50 -5.41 -6.87
C GLU E 226 12.58 -3.97 -6.37
N HIS E 227 13.67 -3.63 -5.70
CA HIS E 227 13.88 -2.27 -5.23
C HIS E 227 14.25 -1.36 -6.39
N ALA E 228 14.98 -1.91 -7.36
CA ALA E 228 15.33 -1.17 -8.57
C ALA E 228 14.06 -0.89 -9.38
N LYS E 229 13.12 -1.82 -9.32
CA LYS E 229 11.81 -1.66 -9.93
C LYS E 229 11.11 -0.42 -9.37
N LYS E 230 11.16 -0.30 -8.06
CA LYS E 230 10.48 0.77 -7.34
C LYS E 230 11.07 2.14 -7.69
N LYS E 231 12.39 2.21 -7.82
CA LYS E 231 13.07 3.47 -8.15
C LYS E 231 12.62 4.04 -9.48
N ARG E 232 12.71 3.22 -10.53
CA ARG E 232 12.31 3.64 -11.88
C ARG E 232 10.86 4.08 -11.91
N LEU E 233 10.01 3.34 -11.19
CA LEU E 233 8.59 3.66 -11.12
C LEU E 233 8.36 4.93 -10.30
N PHE E 234 9.16 5.14 -9.27
CA PHE E 234 9.02 6.31 -8.40
C PHE E 234 9.45 7.59 -9.12
N ASP E 235 10.27 7.43 -10.15
CA ASP E 235 10.71 8.58 -10.96
C ASP E 235 9.52 9.22 -11.66
N LEU E 236 8.52 8.41 -11.98
CA LEU E 236 7.33 8.88 -12.68
C LEU E 236 6.46 9.75 -11.77
N TYR E 237 6.63 9.58 -10.46
CA TYR E 237 5.87 10.36 -9.48
C TYR E 237 6.31 11.81 -9.47
N ILE E 238 7.52 12.07 -9.96
CA ILE E 238 8.03 13.42 -10.05
C ILE E 238 7.35 14.17 -11.19
N ASN E 239 6.95 13.43 -12.21
CA ASN E 239 6.26 14.01 -13.36
C ASN E 239 4.77 14.18 -13.13
N GLY E 240 4.22 15.31 -13.57
CA GLY E 240 2.80 15.58 -13.44
C GLY E 240 1.98 14.68 -14.35
N SER E 241 2.63 14.15 -15.38
CA SER E 241 1.98 13.22 -16.29
C SER E 241 1.57 11.93 -15.59
N TYR E 242 0.81 11.10 -16.31
CA TYR E 242 0.31 9.81 -15.80
C TYR E 242 -0.67 9.99 -14.64
N GLU E 243 -1.43 8.95 -14.34
CA GLU E 243 -2.34 8.98 -13.20
C GLU E 243 -1.77 8.21 -12.02
N VAL E 244 -2.07 8.67 -10.81
CA VAL E 244 -1.59 8.01 -9.60
C VAL E 244 -2.20 6.62 -9.48
N SER E 245 -3.49 6.52 -9.80
CA SER E 245 -4.22 5.26 -9.68
C SER E 245 -3.58 4.12 -10.48
N GLU E 246 -3.27 4.39 -11.75
CA GLU E 246 -2.66 3.38 -12.61
C GLU E 246 -1.24 3.03 -12.15
N LEU E 247 -0.62 3.96 -11.43
CA LEU E 247 0.74 3.75 -10.92
C LEU E 247 0.70 3.06 -9.55
N ASP E 248 -0.38 3.25 -8.81
CA ASP E 248 -0.51 2.66 -7.49
C ASP E 248 -0.57 1.14 -7.54
N SER E 249 -1.39 0.61 -8.45
CA SER E 249 -1.59 -0.82 -8.60
C SER E 249 -0.29 -1.60 -8.74
N MET E 250 0.60 -1.10 -9.60
CA MET E 250 1.88 -1.74 -9.82
C MET E 250 2.80 -1.61 -8.61
N MET E 251 2.71 -0.48 -7.92
CA MET E 251 3.52 -0.23 -6.74
C MET E 251 3.15 -1.18 -5.59
N ASN E 252 1.85 -1.43 -5.42
CA ASN E 252 1.37 -2.31 -4.36
C ASN E 252 1.92 -3.72 -4.46
N ASP E 253 1.84 -4.30 -5.66
CA ASP E 253 2.30 -5.66 -5.90
C ASP E 253 3.81 -5.77 -5.66
N ILE E 254 4.54 -4.71 -6.03
CA ILE E 254 5.98 -4.66 -5.79
C ILE E 254 6.25 -4.67 -4.28
N ASP E 255 5.57 -3.78 -3.56
CA ASP E 255 5.66 -3.75 -2.10
C ASP E 255 5.22 -5.10 -1.52
N ALA E 256 4.21 -5.70 -2.14
CA ALA E 256 3.76 -7.02 -1.75
C ALA E 256 4.81 -8.07 -2.08
N GLN E 257 5.55 -7.84 -3.16
CA GLN E 257 6.63 -8.75 -3.54
C GLN E 257 7.75 -8.70 -2.50
N ILE E 258 8.06 -7.49 -2.02
CA ILE E 258 9.05 -7.33 -0.96
C ILE E 258 8.62 -8.11 0.29
N ASN E 259 7.34 -8.00 0.63
CA ASN E 259 6.79 -8.71 1.78
C ASN E 259 6.88 -10.23 1.62
N TYR E 260 6.79 -10.69 0.37
CA TYR E 260 6.99 -12.10 0.09
C TYR E 260 8.39 -12.52 0.49
N TYR E 261 9.36 -11.64 0.25
CA TYR E 261 10.74 -11.88 0.64
C TYR E 261 10.96 -11.44 2.07
N GLU E 262 10.26 -12.08 3.01
CA GLU E 262 10.40 -11.79 4.43
C GLU E 262 10.29 -13.07 5.29
N ALA E 263 10.14 -14.20 4.62
CA ALA E 263 9.99 -15.47 5.32
C ALA E 263 11.18 -16.40 5.06
N GLN E 264 12.02 -16.03 4.10
CA GLN E 264 13.17 -16.83 3.73
C GLN E 264 14.29 -16.69 4.77
N ILE E 265 14.43 -15.47 5.30
CA ILE E 265 15.37 -15.22 6.40
C ILE E 265 14.71 -14.37 7.47
N SER F 218 -13.82 -6.11 -32.70
CA SER F 218 -12.40 -5.77 -32.79
C SER F 218 -12.08 -4.51 -31.99
N LEU F 219 -12.85 -3.44 -32.19
CA LEU F 219 -12.59 -2.16 -31.56
C LEU F 219 -12.52 -2.25 -30.03
N ASN F 220 -13.37 -3.10 -29.45
CA ASN F 220 -13.33 -3.33 -28.01
C ASN F 220 -12.20 -4.28 -27.65
N GLU F 221 -11.91 -5.21 -28.56
CA GLU F 221 -10.76 -6.10 -28.41
C GLU F 221 -9.47 -5.31 -28.60
N LYS F 222 -9.57 -4.17 -29.26
CA LYS F 222 -8.43 -3.28 -29.47
C LYS F 222 -8.19 -2.42 -28.21
N LEU F 223 -9.20 -2.36 -27.35
CA LEU F 223 -9.09 -1.57 -26.12
C LEU F 223 -8.42 -2.36 -25.01
N LYS F 224 -8.86 -3.61 -24.81
CA LYS F 224 -8.33 -4.47 -23.77
C LYS F 224 -6.84 -4.73 -23.97
N ILE F 225 -6.41 -4.86 -25.22
CA ILE F 225 -5.01 -5.10 -25.52
C ILE F 225 -4.20 -3.82 -25.34
N GLU F 226 -4.85 -2.67 -25.56
CA GLU F 226 -4.20 -1.39 -25.40
C GLU F 226 -3.96 -1.12 -23.92
N HIS F 227 -4.96 -1.44 -23.10
CA HIS F 227 -4.82 -1.40 -21.65
C HIS F 227 -3.71 -2.34 -21.21
N ALA F 228 -3.65 -3.51 -21.84
CA ALA F 228 -2.59 -4.47 -21.56
C ALA F 228 -1.24 -3.89 -21.99
N LYS F 229 -1.23 -3.28 -23.18
CA LYS F 229 -0.02 -2.63 -23.68
C LYS F 229 0.36 -1.45 -22.79
N LYS F 230 -0.65 -0.69 -22.34
CA LYS F 230 -0.43 0.42 -21.42
C LYS F 230 0.28 -0.09 -20.16
N LYS F 231 -0.21 -1.20 -19.62
CA LYS F 231 0.44 -1.84 -18.49
C LYS F 231 1.79 -2.40 -18.92
N ARG F 232 1.81 -3.16 -20.00
CA ARG F 232 3.04 -3.77 -20.51
C ARG F 232 4.13 -2.72 -20.75
N LEU F 233 3.79 -1.65 -21.45
CA LEU F 233 4.74 -0.56 -21.71
C LEU F 233 5.28 -0.02 -20.39
N PHE F 234 4.38 0.19 -19.44
CA PHE F 234 4.77 0.58 -18.09
C PHE F 234 5.62 -0.50 -17.44
N ASP F 235 5.06 -1.71 -17.37
CA ASP F 235 5.75 -2.86 -16.76
C ASP F 235 7.13 -3.10 -17.38
N LEU F 236 7.24 -2.86 -18.68
CA LEU F 236 8.50 -3.02 -19.38
C LEU F 236 9.55 -2.03 -18.87
N TYR F 237 9.15 -0.77 -18.79
CA TYR F 237 10.03 0.31 -18.34
C TYR F 237 10.57 0.07 -16.93
N ILE F 238 9.78 -0.64 -16.13
CA ILE F 238 10.12 -0.92 -14.74
C ILE F 238 11.45 -1.69 -14.60
N ASN F 239 11.77 -2.50 -15.60
CA ASN F 239 12.98 -3.33 -15.54
C ASN F 239 14.01 -3.06 -16.64
N GLY F 240 14.91 -2.11 -16.39
CA GLY F 240 16.02 -1.80 -17.27
C GLY F 240 15.68 -1.68 -18.75
N SER F 241 14.88 -0.69 -19.09
CA SER F 241 14.44 -0.53 -20.47
C SER F 241 13.88 0.87 -20.73
N TYR F 242 14.08 1.35 -21.96
CA TYR F 242 13.55 2.63 -22.41
C TYR F 242 14.07 3.84 -21.64
N GLU F 243 13.70 5.03 -22.11
CA GLU F 243 14.05 6.29 -21.47
C GLU F 243 12.76 6.98 -21.05
N VAL F 244 12.87 7.92 -20.11
CA VAL F 244 11.70 8.65 -19.61
C VAL F 244 11.01 9.43 -20.72
N SER F 245 11.77 9.86 -21.72
CA SER F 245 11.22 10.57 -22.86
C SER F 245 10.50 9.60 -23.79
N GLU F 246 11.07 8.42 -23.93
CA GLU F 246 10.50 7.39 -24.79
C GLU F 246 9.19 6.88 -24.23
N LEU F 247 9.12 6.71 -22.91
CA LEU F 247 7.89 6.27 -22.25
C LEU F 247 6.77 7.28 -22.43
N ASP F 248 7.09 8.55 -22.18
CA ASP F 248 6.10 9.62 -22.27
C ASP F 248 5.56 9.79 -23.69
N SER F 249 6.45 9.70 -24.66
CA SER F 249 6.07 9.87 -26.07
C SER F 249 5.16 8.73 -26.55
N MET F 250 5.55 7.49 -26.24
CA MET F 250 4.78 6.32 -26.66
C MET F 250 3.43 6.24 -25.98
N MET F 251 3.39 6.58 -24.69
CA MET F 251 2.16 6.53 -23.91
C MET F 251 1.14 7.51 -24.46
N ASN F 252 1.62 8.64 -24.97
CA ASN F 252 0.75 9.66 -25.57
C ASN F 252 -0.06 9.10 -26.73
N ASP F 253 0.62 8.47 -27.69
CA ASP F 253 -0.03 7.88 -28.85
C ASP F 253 -1.01 6.79 -28.41
N ILE F 254 -0.65 6.06 -27.36
CA ILE F 254 -1.51 5.03 -26.80
C ILE F 254 -2.75 5.66 -26.14
N ASP F 255 -2.52 6.60 -25.23
CA ASP F 255 -3.60 7.28 -24.55
C ASP F 255 -4.53 7.98 -25.54
N ALA F 256 -3.96 8.51 -26.61
CA ALA F 256 -4.73 9.15 -27.66
C ALA F 256 -5.50 8.12 -28.47
N GLN F 257 -4.97 6.90 -28.51
CA GLN F 257 -5.60 5.82 -29.26
C GLN F 257 -6.90 5.37 -28.58
N ILE F 258 -6.86 5.25 -27.26
CA ILE F 258 -8.03 4.84 -26.47
C ILE F 258 -9.23 5.72 -26.75
N ASN F 259 -9.01 7.03 -26.80
CA ASN F 259 -10.08 8.00 -26.96
C ASN F 259 -10.92 7.76 -28.22
N TYR F 260 -10.26 7.30 -29.29
CA TYR F 260 -10.94 7.04 -30.55
C TYR F 260 -12.09 6.06 -30.39
N TYR F 261 -11.78 4.86 -29.88
CA TYR F 261 -12.79 3.83 -29.68
C TYR F 261 -13.80 4.26 -28.63
N GLU F 262 -13.38 5.15 -27.75
CA GLU F 262 -14.25 5.67 -26.70
C GLU F 262 -15.07 6.85 -27.20
N ALA F 263 -14.58 7.52 -28.24
CA ALA F 263 -15.29 8.65 -28.81
C ALA F 263 -16.52 8.20 -29.58
N GLN F 264 -16.41 7.06 -30.25
CA GLN F 264 -17.52 6.53 -31.03
C GLN F 264 -18.66 6.11 -30.11
N ILE F 265 -18.31 5.61 -28.93
CA ILE F 265 -19.30 5.14 -27.97
C ILE F 265 -19.17 5.87 -26.64
N ASN G 220 27.13 -13.10 8.77
CA ASN G 220 27.40 -12.84 7.36
C ASN G 220 27.35 -11.35 7.06
N GLU G 221 26.92 -11.01 5.83
CA GLU G 221 26.80 -9.62 5.42
C GLU G 221 25.41 -9.08 5.74
N LYS G 222 24.69 -9.80 6.59
CA LYS G 222 23.36 -9.40 7.00
C LYS G 222 23.42 -8.25 8.00
N LEU G 223 24.62 -8.00 8.51
CA LEU G 223 24.86 -6.86 9.39
C LEU G 223 25.18 -5.63 8.56
N LYS G 224 25.72 -5.86 7.38
CA LYS G 224 26.13 -4.79 6.48
C LYS G 224 24.94 -3.95 6.01
N ILE G 225 23.83 -4.61 5.73
CA ILE G 225 22.64 -3.92 5.24
C ILE G 225 22.08 -2.97 6.30
N GLU G 226 21.95 -3.45 7.53
CA GLU G 226 21.44 -2.63 8.64
C GLU G 226 22.37 -1.44 8.89
N HIS G 227 23.67 -1.70 8.74
CA HIS G 227 24.67 -0.64 8.83
C HIS G 227 24.45 0.38 7.73
N ALA G 228 24.28 -0.12 6.51
CA ALA G 228 24.02 0.74 5.36
C ALA G 228 22.69 1.48 5.55
N LYS G 229 21.69 0.77 6.05
CA LYS G 229 20.39 1.38 6.35
C LYS G 229 20.54 2.48 7.39
N LYS G 230 21.40 2.24 8.38
CA LYS G 230 21.64 3.20 9.45
C LYS G 230 22.30 4.46 8.90
N LYS G 231 23.20 4.29 7.94
CA LYS G 231 23.87 5.42 7.30
C LYS G 231 22.86 6.28 6.56
N ARG G 232 21.99 5.64 5.78
CA ARG G 232 20.97 6.33 5.02
C ARG G 232 20.00 7.07 5.95
N LEU G 233 19.72 6.47 7.10
CA LEU G 233 18.79 7.05 8.05
C LEU G 233 19.32 8.36 8.62
N PHE G 234 20.61 8.39 8.96
CA PHE G 234 21.26 9.59 9.46
C PHE G 234 21.14 10.75 8.48
N ASP G 235 21.17 10.44 7.20
CA ASP G 235 21.05 11.45 6.15
C ASP G 235 19.64 12.04 6.14
N LEU G 236 18.66 11.21 6.47
CA LEU G 236 17.27 11.65 6.52
C LEU G 236 17.02 12.53 7.74
N TYR G 237 17.84 12.36 8.77
CA TYR G 237 17.73 13.15 9.99
C TYR G 237 18.03 14.62 9.73
N ILE G 238 18.92 14.88 8.78
CA ILE G 238 19.35 16.24 8.48
C ILE G 238 18.22 17.07 7.86
N ASN G 239 17.26 16.40 7.23
CA ASN G 239 16.12 17.11 6.66
C ASN G 239 15.00 17.30 7.70
N GLY G 240 14.61 18.56 7.90
CA GLY G 240 13.58 18.90 8.87
C GLY G 240 12.18 18.53 8.43
N SER G 241 12.05 18.04 7.21
CA SER G 241 10.78 17.62 6.67
C SER G 241 10.25 16.42 7.44
N TYR G 242 11.06 15.38 7.57
CA TYR G 242 10.67 14.17 8.28
C TYR G 242 10.61 14.38 9.78
N GLU G 243 9.61 13.78 10.42
CA GLU G 243 9.47 13.89 11.86
C GLU G 243 10.48 12.98 12.56
N VAL G 244 10.93 13.40 13.74
CA VAL G 244 11.92 12.65 14.50
C VAL G 244 11.37 11.28 14.89
N SER G 245 10.07 11.21 15.16
CA SER G 245 9.41 9.98 15.59
C SER G 245 9.55 8.86 14.56
N GLU G 246 9.19 9.15 13.32
CA GLU G 246 9.29 8.18 12.23
C GLU G 246 10.73 7.69 12.08
N LEU G 247 11.67 8.63 12.15
CA LEU G 247 13.09 8.32 12.10
C LEU G 247 13.49 7.44 13.29
N ASP G 248 13.00 7.80 14.47
CA ASP G 248 13.25 7.02 15.67
C ASP G 248 12.55 5.66 15.60
N SER G 249 11.39 5.64 14.95
CA SER G 249 10.62 4.40 14.78
C SER G 249 11.40 3.39 13.93
N MET G 250 12.13 3.91 12.95
CA MET G 250 12.93 3.06 12.07
C MET G 250 14.29 2.74 12.68
N MET G 251 14.81 3.65 13.49
CA MET G 251 16.13 3.50 14.08
C MET G 251 16.19 2.31 15.06
N ASN G 252 15.05 2.00 15.66
CA ASN G 252 14.98 0.91 16.63
C ASN G 252 15.05 -0.47 15.99
N ASP G 253 14.79 -0.53 14.69
CA ASP G 253 14.77 -1.81 13.98
C ASP G 253 16.17 -2.39 13.79
N ILE G 254 17.18 -1.52 13.75
CA ILE G 254 18.55 -1.94 13.50
C ILE G 254 19.17 -2.66 14.70
N ASP G 255 18.93 -2.13 15.89
CA ASP G 255 19.54 -2.62 17.13
C ASP G 255 19.35 -4.12 17.35
N ALA G 256 18.17 -4.63 17.02
CA ALA G 256 17.82 -6.02 17.27
C ALA G 256 18.80 -7.00 16.63
N GLN G 257 19.12 -6.77 15.36
CA GLN G 257 19.99 -7.68 14.62
C GLN G 257 21.42 -7.67 15.14
N ILE G 258 21.84 -6.53 15.68
CA ILE G 258 23.19 -6.40 16.24
C ILE G 258 23.25 -7.09 17.60
N ASN G 259 22.14 -7.07 18.33
CA ASN G 259 22.07 -7.68 19.65
C ASN G 259 22.45 -9.16 19.65
N TYR G 260 21.75 -9.95 18.85
CA TYR G 260 22.13 -11.35 18.69
C TYR G 260 23.01 -11.51 17.45
N TYR G 261 24.30 -11.72 17.67
CA TYR G 261 25.25 -11.91 16.59
C TYR G 261 24.97 -13.20 15.84
N ASN H 220 -6.64 19.04 -3.12
CA ASN H 220 -7.44 18.09 -2.36
C ASN H 220 -6.84 16.68 -2.42
N GLU H 221 -7.01 16.02 -3.56
CA GLU H 221 -6.46 14.69 -3.76
C GLU H 221 -4.93 14.71 -3.81
N LYS H 222 -4.39 15.83 -4.30
CA LYS H 222 -2.95 15.98 -4.45
C LYS H 222 -2.21 15.92 -3.11
N LEU H 223 -2.89 16.37 -2.05
CA LEU H 223 -2.31 16.34 -0.70
C LEU H 223 -2.05 14.91 -0.25
N LYS H 224 -2.89 13.99 -0.69
CA LYS H 224 -2.80 12.59 -0.28
C LYS H 224 -1.75 11.83 -1.06
N ILE H 225 -1.46 12.28 -2.28
CA ILE H 225 -0.47 11.62 -3.12
C ILE H 225 0.93 12.19 -2.87
N GLU H 226 1.00 13.35 -2.24
CA GLU H 226 2.29 13.97 -1.91
C GLU H 226 2.88 13.32 -0.66
N HIS H 227 2.04 13.09 0.34
CA HIS H 227 2.46 12.40 1.55
C HIS H 227 2.86 10.96 1.25
N ALA H 228 2.25 10.40 0.21
CA ALA H 228 2.53 9.03 -0.21
C ALA H 228 3.99 8.91 -0.66
N LYS H 229 4.42 9.83 -1.53
CA LYS H 229 5.80 9.86 -2.00
C LYS H 229 6.75 9.98 -0.82
N LYS H 230 6.37 10.80 0.15
CA LYS H 230 7.17 10.99 1.36
C LYS H 230 7.37 9.68 2.12
N LYS H 231 6.29 8.94 2.30
CA LYS H 231 6.35 7.66 2.99
C LYS H 231 7.04 6.61 2.13
N ARG H 232 6.89 6.74 0.82
CA ARG H 232 7.51 5.81 -0.13
C ARG H 232 9.01 6.09 -0.29
N LEU H 233 9.36 7.37 -0.46
CA LEU H 233 10.76 7.76 -0.58
C LEU H 233 11.53 7.44 0.68
N PHE H 234 10.84 7.50 1.82
CA PHE H 234 11.44 7.19 3.11
C PHE H 234 12.04 5.78 3.13
N ASP H 235 11.20 4.79 2.88
CA ASP H 235 11.64 3.40 2.82
C ASP H 235 12.64 3.20 1.69
N LEU H 236 12.41 3.87 0.56
CA LEU H 236 13.27 3.77 -0.60
C LEU H 236 14.72 4.17 -0.32
N TYR H 237 14.91 5.34 0.29
CA TYR H 237 16.24 5.84 0.57
C TYR H 237 16.99 4.93 1.53
N ILE H 238 16.24 4.27 2.41
CA ILE H 238 16.81 3.29 3.33
C ILE H 238 17.38 2.10 2.55
N ASN H 239 16.75 1.78 1.43
CA ASN H 239 17.16 0.67 0.59
C ASN H 239 18.44 0.95 -0.18
N GLY H 240 19.01 2.14 0.01
CA GLY H 240 20.26 2.50 -0.65
C GLY H 240 20.04 3.14 -2.01
N SER H 241 18.79 3.24 -2.42
CA SER H 241 18.46 3.85 -3.70
C SER H 241 18.72 5.35 -3.69
N TYR H 242 18.96 5.91 -4.87
CA TYR H 242 19.22 7.34 -5.06
C TYR H 242 20.46 7.82 -4.31
N GLU H 243 20.77 9.10 -4.48
CA GLU H 243 21.87 9.74 -3.75
C GLU H 243 21.34 10.91 -2.93
N VAL H 244 22.20 11.50 -2.11
CA VAL H 244 21.80 12.61 -1.25
C VAL H 244 21.39 13.82 -2.08
N SER H 245 22.15 14.10 -3.13
CA SER H 245 21.87 15.22 -4.03
C SER H 245 20.46 15.12 -4.60
N GLU H 246 20.09 13.91 -5.02
CA GLU H 246 18.74 13.67 -5.52
C GLU H 246 17.72 13.74 -4.39
N LEU H 247 18.12 13.30 -3.21
CA LEU H 247 17.24 13.30 -2.04
C LEU H 247 16.86 14.71 -1.61
N ASP H 248 17.86 15.59 -1.51
CA ASP H 248 17.64 16.95 -1.04
C ASP H 248 16.68 17.73 -1.94
N SER H 249 16.90 17.63 -3.24
CA SER H 249 16.05 18.31 -4.21
C SER H 249 14.61 17.85 -4.09
N MET H 250 14.43 16.53 -3.96
CA MET H 250 13.10 15.94 -3.84
C MET H 250 12.31 16.52 -2.67
N MET H 251 12.90 16.47 -1.48
CA MET H 251 12.25 16.98 -0.28
C MET H 251 11.93 18.46 -0.41
N ASN H 252 12.89 19.23 -0.93
CA ASN H 252 12.69 20.65 -1.18
C ASN H 252 11.55 20.88 -2.17
N ASP H 253 11.42 19.97 -3.13
CA ASP H 253 10.36 20.06 -4.14
C ASP H 253 9.03 19.54 -3.60
N ILE H 254 9.05 18.38 -2.96
CA ILE H 254 7.84 17.75 -2.45
C ILE H 254 7.17 18.57 -1.35
N ASP H 255 7.95 18.96 -0.35
CA ASP H 255 7.46 19.79 0.75
C ASP H 255 6.83 21.08 0.21
N ALA H 256 7.45 21.65 -0.81
CA ALA H 256 6.95 22.86 -1.44
C ALA H 256 5.57 22.65 -2.07
N GLN H 257 5.39 21.48 -2.69
CA GLN H 257 4.12 21.12 -3.30
C GLN H 257 3.03 20.98 -2.25
N ILE H 258 3.40 20.39 -1.11
CA ILE H 258 2.48 20.22 0.01
C ILE H 258 1.98 21.57 0.52
N ASN H 259 2.89 22.53 0.64
CA ASN H 259 2.56 23.86 1.12
C ASN H 259 1.63 24.61 0.17
N TYR H 260 1.78 24.34 -1.12
CA TYR H 260 0.99 25.00 -2.15
C TYR H 260 -0.49 24.63 -2.07
N TYR H 261 -0.77 23.44 -1.53
CA TYR H 261 -2.13 22.96 -1.42
C TYR H 261 -2.76 23.36 -0.08
N GLU H 262 -1.92 23.61 0.91
CA GLU H 262 -2.36 23.95 2.25
C GLU H 262 -2.83 25.40 2.33
N ALA H 263 -2.48 26.18 1.32
CA ALA H 263 -2.76 27.62 1.34
C ALA H 263 -4.22 27.94 1.01
N GLN H 264 -4.85 27.10 0.19
CA GLN H 264 -6.23 27.33 -0.26
C GLN H 264 -7.20 27.55 0.90
N ILE H 265 -7.13 26.67 1.90
CA ILE H 265 -8.03 26.76 3.04
C ILE H 265 -7.70 27.99 3.90
N GLU H 266 -6.42 28.33 3.97
CA GLU H 266 -5.98 29.46 4.77
C GLU H 266 -6.16 30.79 4.03
N ALA H 267 -6.25 30.71 2.70
CA ALA H 267 -6.45 31.90 1.88
C ALA H 267 -7.84 32.48 2.09
#